data_2CB9
#
_entry.id   2CB9
#
_cell.length_a   72.354
_cell.length_b   72.354
_cell.length_c   96.333
_cell.angle_alpha   90.00
_cell.angle_beta   90.00
_cell.angle_gamma   120.00
#
_symmetry.space_group_name_H-M   'P 61'
#
loop_
_entity.id
_entity.type
_entity.pdbx_description
1 polymer 'FENGYCIN SYNTHETASE'
2 non-polymer 'ACETIC ACID'
3 water water
#
_entity_poly.entity_id   1
_entity_poly.type   'polypeptide(L)'
_entity_poly.pdbx_seq_one_letter_code
;MARSQLSAAGEQHVIQLNQQGGKNLFCFPPISGFGIYFKDLALQLNHKAAVYGFHFIEEDSRIEQYVSRITEIQPEGPYV
LLGYSAGGNLAFEVVQAMEQKGLEVSDFIIVDAYKKDQSITADTENDDSAAYLPEAVRETVMQKKRCYQEYWAQLINEGR
IKSNIHFIEAGIQTETSGAMVLQKWQDAAEEGYAEYTGYGAHKDMLEGEFAEKNANIILNILDKINSDQKVLPNKHGSHH
HHHH
;
_entity_poly.pdbx_strand_id   A
#
loop_
_chem_comp.id
_chem_comp.type
_chem_comp.name
_chem_comp.formula
ACY non-polymer 'ACETIC ACID' 'C2 H4 O2'
#
# COMPACT_ATOMS: atom_id res chain seq x y z
N SER A 7 -8.55 3.94 18.30
CA SER A 7 -8.22 5.26 17.70
C SER A 7 -8.51 6.41 18.68
N ALA A 8 -7.96 7.58 18.34
CA ALA A 8 -7.98 8.76 19.22
C ALA A 8 -9.40 9.19 19.56
N ALA A 9 -10.27 9.18 18.55
CA ALA A 9 -11.68 9.61 18.73
C ALA A 9 -12.68 8.56 18.31
N GLY A 10 -12.31 7.27 18.28
CA GLY A 10 -13.25 6.20 17.95
C GLY A 10 -13.55 6.11 16.45
N GLU A 11 -12.89 6.96 15.68
CA GLU A 11 -13.04 6.98 14.23
C GLU A 11 -12.27 5.84 13.63
N GLN A 12 -12.51 5.64 12.36
CA GLN A 12 -11.73 4.65 11.63
C GLN A 12 -10.72 5.26 10.73
N HIS A 13 -9.83 4.41 10.23
CA HIS A 13 -8.73 4.86 9.41
C HIS A 13 -8.71 4.20 8.05
N VAL A 14 -9.90 3.94 7.51
CA VAL A 14 -10.06 3.27 6.22
C VAL A 14 -11.40 3.67 5.62
N ILE A 15 -11.44 3.77 4.30
CA ILE A 15 -12.68 4.05 3.59
C ILE A 15 -12.94 2.88 2.64
N GLN A 16 -14.13 2.31 2.73
CA GLN A 16 -14.61 1.38 1.70
C GLN A 16 -15.01 2.14 0.46
N LEU A 17 -14.27 1.94 -0.64
CA LEU A 17 -14.35 2.83 -1.80
C LEU A 17 -15.13 2.35 -3.04
N ASN A 18 -15.55 1.13 -2.98
CA ASN A 18 -16.44 0.58 -3.99
C ASN A 18 -17.28 -0.48 -3.30
N GLN A 19 -18.02 -1.24 -4.10
CA GLN A 19 -18.96 -2.19 -3.53
C GLN A 19 -18.26 -3.42 -2.94
N GLN A 20 -18.81 -3.98 -1.90
CA GLN A 20 -18.33 -5.27 -1.40
C GLN A 20 -18.52 -6.40 -2.44
N GLY A 21 -17.64 -7.40 -2.35
CA GLY A 21 -17.64 -8.52 -3.26
C GLY A 21 -16.29 -8.87 -3.85
N GLY A 22 -16.18 -10.10 -4.35
CA GLY A 22 -14.91 -10.65 -4.74
C GLY A 22 -13.96 -10.63 -3.56
N LYS A 23 -12.68 -10.55 -3.86
CA LYS A 23 -11.65 -10.47 -2.82
C LYS A 23 -11.66 -9.05 -2.22
N ASN A 24 -11.33 -8.94 -0.93
CA ASN A 24 -11.06 -7.63 -0.32
C ASN A 24 -9.60 -7.28 -0.57
N LEU A 25 -9.37 -6.07 -1.02
CA LEU A 25 -8.03 -5.56 -1.29
C LEU A 25 -7.78 -4.41 -0.31
N PHE A 26 -6.92 -4.69 0.66
CA PHE A 26 -6.56 -3.72 1.71
C PHE A 26 -5.36 -2.90 1.26
N CYS A 27 -5.63 -1.64 0.93
CA CYS A 27 -4.68 -0.78 0.23
C CYS A 27 -4.06 0.30 1.14
N PHE A 28 -2.74 0.41 1.05
CA PHE A 28 -1.96 1.36 1.86
C PHE A 28 -1.41 2.48 1.02
N PRO A 29 -1.56 3.72 1.50
CA PRO A 29 -1.42 4.91 0.65
C PRO A 29 0.01 5.39 0.43
N PRO A 30 0.17 6.23 -0.58
CA PRO A 30 1.42 6.95 -0.76
C PRO A 30 1.52 8.05 0.32
N ILE A 31 2.62 8.78 0.29
CA ILE A 31 3.00 9.67 1.39
C ILE A 31 1.99 10.79 1.73
N SER A 32 1.15 11.18 0.78
CA SER A 32 0.01 12.07 1.03
C SER A 32 -0.86 11.58 2.19
N GLY A 33 -0.96 10.26 2.37
CA GLY A 33 -1.39 9.70 3.62
C GLY A 33 -2.84 9.34 3.79
N PHE A 34 -3.69 9.65 2.82
CA PHE A 34 -5.13 9.44 2.93
C PHE A 34 -5.63 8.36 1.92
N GLY A 35 -6.51 7.50 2.43
CA GLY A 35 -7.09 6.41 1.66
C GLY A 35 -7.86 6.78 0.42
N ILE A 36 -8.40 8.02 0.37
CA ILE A 36 -9.13 8.49 -0.80
C ILE A 36 -8.27 8.47 -2.05
N TYR A 37 -6.95 8.37 -1.85
CA TYR A 37 -6.04 8.19 -2.98
C TYR A 37 -6.50 7.05 -3.93
N PHE A 38 -7.07 5.99 -3.36
CA PHE A 38 -7.43 4.79 -4.10
C PHE A 38 -8.80 4.88 -4.81
N LYS A 39 -9.38 6.07 -4.85
CA LYS A 39 -10.67 6.22 -5.50
C LYS A 39 -10.70 5.76 -6.96
N ASP A 40 -9.70 6.12 -7.74
CA ASP A 40 -9.71 5.76 -9.14
C ASP A 40 -9.52 4.25 -9.32
N LEU A 41 -8.63 3.64 -8.53
CA LEU A 41 -8.51 2.21 -8.54
C LEU A 41 -9.84 1.52 -8.19
N ALA A 42 -10.50 2.03 -7.16
CA ALA A 42 -11.76 1.46 -6.70
C ALA A 42 -12.82 1.54 -7.78
N LEU A 43 -12.81 2.64 -8.51
CA LEU A 43 -13.80 2.80 -9.59
C LEU A 43 -13.60 1.73 -10.66
N GLN A 44 -12.34 1.52 -11.02
CA GLN A 44 -11.98 0.52 -12.00
C GLN A 44 -12.30 -0.91 -11.56
N LEU A 45 -12.23 -1.20 -10.26
CA LEU A 45 -12.46 -2.52 -9.73
C LEU A 45 -13.87 -2.70 -9.18
N ASN A 46 -14.76 -1.73 -9.45
CA ASN A 46 -16.10 -1.79 -8.89
C ASN A 46 -16.86 -3.04 -9.37
N HIS A 47 -17.41 -3.77 -8.41
CA HIS A 47 -18.02 -5.12 -8.56
C HIS A 47 -17.08 -6.20 -9.09
N LYS A 48 -15.78 -5.99 -8.91
CA LYS A 48 -14.78 -7.02 -9.20
C LYS A 48 -13.98 -7.38 -7.97
N ALA A 49 -13.54 -6.36 -7.21
CA ALA A 49 -12.89 -6.52 -5.92
C ALA A 49 -13.24 -5.35 -5.04
N ALA A 50 -13.31 -5.58 -3.74
CA ALA A 50 -13.69 -4.56 -2.81
C ALA A 50 -12.41 -3.84 -2.33
N VAL A 51 -12.32 -2.55 -2.66
CA VAL A 51 -11.13 -1.78 -2.38
C VAL A 51 -11.35 -0.96 -1.10
N TYR A 52 -10.49 -1.21 -0.12
CA TYR A 52 -10.44 -0.48 1.16
C TYR A 52 -9.17 0.37 1.17
N GLY A 53 -9.33 1.68 1.26
CA GLY A 53 -8.19 2.60 1.26
C GLY A 53 -7.88 3.08 2.65
N PHE A 54 -6.77 2.65 3.21
CA PHE A 54 -6.31 3.07 4.54
C PHE A 54 -5.67 4.42 4.48
N HIS A 55 -5.78 5.14 5.59
CA HIS A 55 -4.94 6.29 5.83
C HIS A 55 -3.69 5.89 6.64
N PHE A 56 -2.69 6.76 6.60
CA PHE A 56 -1.56 6.65 7.51
C PHE A 56 -1.98 7.01 8.94
N ILE A 57 -1.80 6.08 9.87
CA ILE A 57 -2.19 6.26 11.25
C ILE A 57 -0.96 6.86 11.96
N GLU A 58 -1.15 7.98 12.63
CA GLU A 58 -0.04 8.76 13.15
C GLU A 58 0.52 8.18 14.45
N GLU A 59 -0.33 7.50 15.19
CA GLU A 59 0.03 6.87 16.46
C GLU A 59 1.02 5.72 16.27
N ASP A 60 1.88 5.49 17.26
CA ASP A 60 2.91 4.47 17.15
C ASP A 60 2.37 3.06 17.19
N SER A 61 1.11 2.91 17.57
CA SER A 61 0.44 1.62 17.56
C SER A 61 -0.23 1.33 16.17
N ARG A 62 0.13 2.11 15.17
CA ARG A 62 -0.49 2.00 13.82
C ARG A 62 -0.55 0.55 13.33
N ILE A 63 0.53 -0.21 13.45
CA ILE A 63 0.55 -1.56 12.87
C ILE A 63 -0.51 -2.43 13.50
N GLU A 64 -0.55 -2.44 14.84
CA GLU A 64 -1.61 -3.16 15.52
C GLU A 64 -3.00 -2.72 15.12
N GLN A 65 -3.21 -1.44 14.94
CA GLN A 65 -4.52 -0.94 14.55
C GLN A 65 -4.91 -1.41 13.13
N TYR A 66 -3.95 -1.48 12.22
CA TYR A 66 -4.25 -1.94 10.86
C TYR A 66 -4.65 -3.38 10.91
N VAL A 67 -3.91 -4.19 11.64
CA VAL A 67 -4.24 -5.60 11.79
C VAL A 67 -5.65 -5.74 12.38
N SER A 68 -5.93 -5.00 13.44
CA SER A 68 -7.25 -5.05 14.05
C SER A 68 -8.38 -4.70 13.08
N ARG A 69 -8.18 -3.66 12.28
CA ARG A 69 -9.21 -3.23 11.36
C ARG A 69 -9.42 -4.21 10.23
N ILE A 70 -8.33 -4.74 9.67
CA ILE A 70 -8.43 -5.73 8.63
C ILE A 70 -9.25 -6.94 9.09
N THR A 71 -8.96 -7.44 10.28
CA THR A 71 -9.63 -8.67 10.72
C THR A 71 -11.07 -8.41 11.16
N GLU A 72 -11.35 -7.16 11.47
CA GLU A 72 -12.73 -6.74 11.76
C GLU A 72 -13.57 -6.77 10.53
N ILE A 73 -13.02 -6.22 9.44
CA ILE A 73 -13.69 -6.18 8.16
C ILE A 73 -13.83 -7.59 7.61
N GLN A 74 -12.77 -8.38 7.75
CA GLN A 74 -12.70 -9.71 7.18
C GLN A 74 -12.17 -10.67 8.24
N PRO A 75 -13.06 -11.25 9.03
CA PRO A 75 -12.65 -12.09 10.15
C PRO A 75 -11.87 -13.37 9.81
N GLU A 76 -12.03 -13.92 8.61
CA GLU A 76 -11.28 -15.12 8.17
C GLU A 76 -10.34 -14.76 7.03
N GLY A 77 -9.09 -15.24 7.08
CA GLY A 77 -8.19 -15.20 5.96
C GLY A 77 -8.56 -16.17 4.84
N PRO A 78 -7.71 -16.27 3.81
CA PRO A 78 -6.47 -15.48 3.72
C PRO A 78 -6.77 -14.04 3.25
N TYR A 79 -5.77 -13.19 3.40
CA TYR A 79 -5.85 -11.76 3.17
C TYR A 79 -4.99 -11.37 1.99
N VAL A 80 -5.41 -10.33 1.31
CA VAL A 80 -4.63 -9.71 0.23
C VAL A 80 -4.43 -8.24 0.57
N LEU A 81 -3.18 -7.83 0.56
CA LEU A 81 -2.81 -6.44 0.76
C LEU A 81 -2.16 -5.86 -0.49
N LEU A 82 -2.28 -4.54 -0.64
CA LEU A 82 -1.66 -3.76 -1.69
C LEU A 82 -1.06 -2.49 -1.07
N GLY A 83 0.08 -2.10 -1.56
CA GLY A 83 0.70 -0.81 -1.21
C GLY A 83 1.23 -0.13 -2.44
N TYR A 84 0.96 1.16 -2.58
CA TYR A 84 1.51 1.98 -3.66
C TYR A 84 2.56 2.93 -3.06
N SER A 85 3.75 2.98 -3.68
CA SER A 85 4.81 3.89 -3.33
C SER A 85 5.15 3.74 -1.85
N ALA A 86 5.15 4.81 -1.04
CA ALA A 86 5.45 4.67 0.39
C ALA A 86 4.60 3.59 1.08
N GLY A 87 3.36 3.45 0.62
CA GLY A 87 2.43 2.46 1.11
C GLY A 87 2.88 1.03 0.90
N GLY A 88 3.70 0.77 -0.13
CA GLY A 88 4.33 -0.54 -0.25
C GLY A 88 5.25 -0.85 0.94
N ASN A 89 6.03 0.13 1.34
CA ASN A 89 6.92 -0.03 2.51
C ASN A 89 6.14 -0.19 3.80
N LEU A 90 5.11 0.60 3.99
CA LEU A 90 4.25 0.46 5.15
C LEU A 90 3.52 -0.91 5.16
N ALA A 91 2.93 -1.27 4.02
CA ALA A 91 2.14 -2.47 3.99
C ALA A 91 3.01 -3.70 4.29
N PHE A 92 4.26 -3.70 3.85
CA PHE A 92 5.17 -4.81 4.07
C PHE A 92 5.26 -5.08 5.61
N GLU A 93 5.35 -4.01 6.38
CA GLU A 93 5.39 -4.11 7.85
C GLU A 93 4.10 -4.70 8.40
N VAL A 94 2.97 -4.33 7.81
CA VAL A 94 1.69 -4.89 8.22
C VAL A 94 1.63 -6.36 7.88
N VAL A 95 2.09 -6.73 6.68
CA VAL A 95 2.12 -8.16 6.31
C VAL A 95 2.93 -8.97 7.38
N GLN A 96 4.11 -8.49 7.70
CA GLN A 96 4.96 -9.16 8.70
C GLN A 96 4.26 -9.33 10.03
N ALA A 97 3.56 -8.28 10.44
CA ALA A 97 2.80 -8.31 11.70
C ALA A 97 1.68 -9.33 11.70
N MET A 98 0.97 -9.41 10.59
CA MET A 98 -0.09 -10.34 10.43
C MET A 98 0.42 -11.78 10.47
N GLU A 99 1.49 -12.02 9.73
CA GLU A 99 2.07 -13.32 9.66
C GLU A 99 2.63 -13.75 11.05
N GLN A 100 3.19 -12.81 11.78
CA GLN A 100 3.77 -13.12 13.09
C GLN A 100 2.69 -13.57 14.05
N LYS A 101 1.48 -13.07 13.84
CA LYS A 101 0.27 -13.51 14.57
C LYS A 101 -0.36 -14.80 14.06
N GLY A 102 0.20 -15.40 13.03
CA GLY A 102 -0.36 -16.63 12.50
C GLY A 102 -1.42 -16.44 11.44
N LEU A 103 -1.66 -15.21 11.02
CA LEU A 103 -2.66 -14.96 9.97
C LEU A 103 -2.05 -15.26 8.62
N GLU A 104 -2.87 -15.68 7.65
CA GLU A 104 -2.41 -16.01 6.30
C GLU A 104 -2.62 -14.83 5.36
N VAL A 105 -1.53 -14.24 4.87
CA VAL A 105 -1.59 -13.24 3.80
C VAL A 105 -1.20 -14.00 2.53
N SER A 106 -2.14 -14.25 1.63
CA SER A 106 -1.84 -15.11 0.50
C SER A 106 -0.92 -14.37 -0.47
N ASP A 107 -1.20 -13.08 -0.65
CA ASP A 107 -0.62 -12.31 -1.76
C ASP A 107 -0.48 -10.86 -1.35
N PHE A 108 0.63 -10.24 -1.78
CA PHE A 108 0.92 -8.86 -1.48
C PHE A 108 1.29 -8.19 -2.77
N ILE A 109 0.50 -7.18 -3.15
CA ILE A 109 0.69 -6.45 -4.42
C ILE A 109 1.37 -5.10 -4.14
N ILE A 110 2.53 -4.92 -4.75
CA ILE A 110 3.39 -3.77 -4.50
C ILE A 110 3.41 -2.95 -5.78
N VAL A 111 2.86 -1.76 -5.74
CA VAL A 111 2.80 -0.97 -6.96
C VAL A 111 3.90 0.09 -6.86
N ASP A 112 4.98 -0.15 -7.60
CA ASP A 112 6.11 0.76 -7.75
C ASP A 112 6.59 1.36 -6.43
N ALA A 113 6.78 0.49 -5.45
CA ALA A 113 7.52 0.77 -4.22
C ALA A 113 8.78 -0.08 -4.28
N TYR A 114 9.81 0.39 -3.61
CA TYR A 114 11.15 -0.24 -3.66
C TYR A 114 11.53 -0.53 -2.19
N LYS A 115 12.05 -1.72 -1.91
CA LYS A 115 12.33 -2.17 -0.54
C LYS A 115 13.30 -1.16 0.10
N LYS A 116 12.97 -0.72 1.31
CA LYS A 116 13.68 0.39 1.94
C LYS A 116 14.69 -0.21 2.92
N ASP A 117 15.95 -0.19 2.53
CA ASP A 117 17.01 -0.90 3.24
C ASP A 117 17.82 -0.04 4.22
N GLN A 118 17.69 1.27 4.14
CA GLN A 118 18.37 2.14 5.08
C GLN A 118 17.48 3.29 5.52
N SER A 119 17.73 3.79 6.72
CA SER A 119 17.05 4.96 7.22
C SER A 119 17.70 6.15 6.55
N ILE A 120 16.92 7.19 6.33
CA ILE A 120 17.43 8.43 5.80
C ILE A 120 16.84 9.64 6.51
N THR A 121 17.25 10.83 6.08
CA THR A 121 16.74 12.07 6.65
C THR A 121 15.39 12.37 6.05
N ALA A 122 14.45 12.86 6.86
CA ALA A 122 13.07 13.07 6.43
C ALA A 122 12.95 14.13 5.35
N ASP A 123 11.98 13.91 4.46
CA ASP A 123 11.55 14.90 3.48
C ASP A 123 10.45 15.74 4.10
N ALA A 131 -1.78 27.43 1.93
CA ALA A 131 -2.22 28.07 0.71
C ALA A 131 -3.72 27.86 0.50
N TYR A 132 -4.48 28.96 0.49
CA TYR A 132 -5.93 29.00 0.80
C TYR A 132 -6.23 28.72 2.26
N LEU A 133 -5.18 28.61 3.10
CA LEU A 133 -5.39 28.29 4.53
C LEU A 133 -4.61 29.18 5.45
N PRO A 134 -5.24 29.60 6.56
CA PRO A 134 -4.50 30.20 7.68
C PRO A 134 -3.37 29.28 8.14
N GLU A 135 -2.23 29.83 8.52
CA GLU A 135 -1.08 29.02 8.94
C GLU A 135 -1.44 27.91 9.96
N ALA A 136 -2.29 28.22 10.94
CA ALA A 136 -2.73 27.23 11.94
C ALA A 136 -3.52 26.05 11.38
N VAL A 137 -4.32 26.31 10.37
CA VAL A 137 -5.05 25.26 9.68
C VAL A 137 -4.09 24.48 8.75
N ARG A 138 -3.23 25.21 8.05
CA ARG A 138 -2.27 24.59 7.14
C ARG A 138 -1.45 23.53 7.91
N GLU A 139 -1.04 23.86 9.12
CA GLU A 139 -0.19 22.98 9.92
C GLU A 139 -0.93 21.67 10.31
N THR A 140 -2.17 21.81 10.73
CA THR A 140 -3.03 20.67 11.06
C THR A 140 -3.32 19.78 9.85
N VAL A 141 -3.60 20.43 8.73
CA VAL A 141 -3.97 19.74 7.51
C VAL A 141 -2.79 18.91 6.97
N MET A 142 -1.56 19.41 7.22
CA MET A 142 -0.32 18.81 6.67
C MET A 142 0.33 17.85 7.64
N GLN A 143 -0.27 17.69 8.81
CA GLN A 143 0.30 16.91 9.90
C GLN A 143 0.48 15.43 9.52
N LYS A 144 -0.54 14.85 8.88
CA LYS A 144 -0.51 13.42 8.54
C LYS A 144 0.66 13.10 7.61
N LYS A 145 0.76 13.88 6.53
CA LYS A 145 1.85 13.73 5.58
C LYS A 145 3.20 13.95 6.24
N ARG A 146 3.34 15.00 7.06
CA ARG A 146 4.59 15.18 7.84
C ARG A 146 4.96 13.98 8.70
N CYS A 147 3.97 13.44 9.43
CA CYS A 147 4.18 12.29 10.29
C CYS A 147 4.62 11.11 9.42
N TYR A 148 3.94 10.93 8.28
CA TYR A 148 4.26 9.81 7.38
C TYR A 148 5.69 9.93 6.81
N GLN A 149 6.06 11.14 6.39
CA GLN A 149 7.42 11.42 5.94
C GLN A 149 8.46 11.04 6.97
N GLU A 150 8.20 11.35 8.22
CA GLU A 150 9.13 11.03 9.32
C GLU A 150 9.18 9.52 9.59
N TYR A 151 8.04 8.88 9.51
CA TYR A 151 7.94 7.46 9.75
C TYR A 151 8.67 6.73 8.60
N TRP A 152 8.43 7.16 7.38
CA TRP A 152 9.00 6.50 6.20
C TRP A 152 10.53 6.67 6.18
N ALA A 153 10.99 7.86 6.57
CA ALA A 153 12.41 8.13 6.58
C ALA A 153 13.14 7.17 7.52
N GLN A 154 12.57 6.87 8.67
CA GLN A 154 13.23 6.03 9.66
C GLN A 154 13.01 4.54 9.41
N LEU A 155 12.07 4.23 8.53
CA LEU A 155 11.65 2.88 8.32
C LEU A 155 12.68 2.06 7.58
N ILE A 156 12.91 0.86 8.06
CA ILE A 156 13.71 -0.14 7.33
C ILE A 156 12.90 -1.42 7.22
N ASN A 157 12.67 -1.85 5.97
CA ASN A 157 12.03 -3.12 5.70
C ASN A 157 13.12 -4.21 5.75
N GLU A 158 12.93 -5.18 6.61
CA GLU A 158 13.90 -6.27 6.83
C GLU A 158 13.36 -7.63 6.42
N GLY A 159 14.16 -8.43 5.71
CA GLY A 159 13.81 -9.82 5.58
C GLY A 159 12.67 -10.05 4.60
N ARG A 160 11.87 -11.01 4.96
CA ARG A 160 10.95 -11.71 4.06
C ARG A 160 9.57 -11.85 4.63
N ILE A 161 8.64 -12.18 3.75
CA ILE A 161 7.29 -12.55 4.09
C ILE A 161 6.99 -13.84 3.41
N LYS A 162 6.07 -14.58 3.98
CA LYS A 162 5.58 -15.81 3.39
C LYS A 162 4.66 -15.58 2.23
N SER A 163 3.84 -14.53 2.36
CA SER A 163 2.99 -14.06 1.25
C SER A 163 3.69 -14.05 -0.09
N ASN A 164 2.99 -14.44 -1.14
CA ASN A 164 3.47 -14.25 -2.49
C ASN A 164 3.59 -12.75 -2.72
N ILE A 165 4.65 -12.34 -3.39
CA ILE A 165 4.85 -10.95 -3.75
C ILE A 165 4.59 -10.76 -5.24
N HIS A 166 3.83 -9.72 -5.54
CA HIS A 166 3.53 -9.29 -6.90
C HIS A 166 4.01 -7.85 -7.03
N PHE A 167 5.12 -7.67 -7.71
CA PHE A 167 5.72 -6.34 -7.90
C PHE A 167 5.37 -5.79 -9.28
N ILE A 168 4.63 -4.69 -9.28
CA ILE A 168 4.19 -3.99 -10.50
C ILE A 168 4.98 -2.67 -10.58
N GLU A 169 5.89 -2.61 -11.52
CA GLU A 169 6.70 -1.42 -11.75
C GLU A 169 6.03 -0.47 -12.76
N ALA A 170 6.48 0.80 -12.72
CA ALA A 170 6.11 1.81 -13.68
C ALA A 170 6.49 1.41 -15.11
N GLY A 171 5.60 1.72 -16.05
CA GLY A 171 5.84 1.54 -17.48
C GLY A 171 6.71 2.58 -18.12
N ILE A 172 6.86 3.71 -17.44
CA ILE A 172 7.70 4.81 -17.89
C ILE A 172 8.67 5.06 -16.77
N GLN A 173 9.95 4.94 -17.09
CA GLN A 173 11.02 5.01 -16.10
C GLN A 173 12.20 5.78 -16.64
N THR A 174 12.27 7.04 -16.37
CA THR A 174 13.35 7.83 -16.97
C THR A 174 14.59 8.06 -16.07
N GLU A 175 14.61 7.53 -14.86
CA GLU A 175 15.75 7.73 -13.99
C GLU A 175 15.92 6.56 -13.02
N THR A 176 16.04 5.37 -13.58
CA THR A 176 16.31 4.16 -12.79
C THR A 176 17.81 3.99 -12.51
N SER A 177 18.11 3.84 -11.22
CA SER A 177 19.47 3.56 -10.74
C SER A 177 19.68 2.06 -10.70
N GLY A 178 20.94 1.63 -10.78
CA GLY A 178 21.30 0.26 -10.45
C GLY A 178 20.88 -0.12 -9.02
N ALA A 179 20.87 0.87 -8.13
CA ALA A 179 20.48 0.68 -6.74
C ALA A 179 19.00 0.30 -6.63
N MET A 180 18.15 1.00 -7.37
CA MET A 180 16.70 0.71 -7.34
C MET A 180 16.40 -0.67 -7.84
N VAL A 181 17.05 -1.11 -8.91
CA VAL A 181 16.78 -2.44 -9.49
C VAL A 181 17.12 -3.53 -8.46
N LEU A 182 18.07 -3.25 -7.56
CA LEU A 182 18.33 -4.21 -6.47
C LEU A 182 17.22 -4.22 -5.42
N GLN A 183 16.35 -3.20 -5.39
CA GLN A 183 15.31 -3.16 -4.37
C GLN A 183 13.90 -3.45 -4.91
N LYS A 184 13.83 -4.43 -5.82
CA LYS A 184 12.57 -4.89 -6.35
C LYS A 184 11.92 -6.09 -5.64
N TRP A 185 12.37 -6.39 -4.42
CA TRP A 185 11.69 -7.30 -3.49
C TRP A 185 11.97 -8.79 -3.73
N GLN A 186 12.87 -9.14 -4.64
CA GLN A 186 13.19 -10.55 -4.83
C GLN A 186 13.70 -11.21 -3.52
N ASP A 187 14.43 -10.45 -2.73
CA ASP A 187 15.03 -10.99 -1.49
C ASP A 187 14.07 -10.94 -0.32
N ALA A 188 12.83 -10.53 -0.59
CA ALA A 188 11.81 -10.39 0.45
C ALA A 188 10.74 -11.45 0.37
N ALA A 189 10.89 -12.38 -0.56
CA ALA A 189 9.93 -13.45 -0.76
C ALA A 189 10.42 -14.82 -0.20
N GLU A 190 9.65 -15.42 0.68
CA GLU A 190 9.96 -16.78 1.10
C GLU A 190 9.60 -17.79 0.07
N GLU A 191 8.58 -17.47 -0.73
CA GLU A 191 8.00 -18.43 -1.63
C GLU A 191 7.80 -17.89 -3.06
N GLY A 192 6.78 -17.12 -3.25
CA GLY A 192 6.35 -16.72 -4.57
C GLY A 192 6.81 -15.32 -4.81
N TYR A 193 7.36 -15.08 -5.99
CA TYR A 193 7.69 -13.74 -6.42
C TYR A 193 7.31 -13.63 -7.87
N ALA A 194 6.68 -12.51 -8.24
CA ALA A 194 6.45 -12.23 -9.66
C ALA A 194 6.60 -10.74 -9.90
N GLU A 195 7.15 -10.40 -11.06
CA GLU A 195 7.23 -9.01 -11.48
C GLU A 195 6.47 -8.75 -12.74
N TYR A 196 5.90 -7.55 -12.82
CA TYR A 196 5.01 -7.15 -13.91
C TYR A 196 5.34 -5.72 -14.27
N THR A 197 5.48 -5.43 -15.55
CA THR A 197 5.51 -4.05 -15.97
C THR A 197 4.11 -3.51 -16.19
N GLY A 198 3.80 -2.49 -15.41
CA GLY A 198 2.57 -1.75 -15.47
C GLY A 198 2.66 -0.59 -16.44
N TYR A 199 1.77 0.38 -16.25
CA TYR A 199 1.54 1.43 -17.21
C TYR A 199 1.69 2.80 -16.57
N GLY A 200 2.41 3.68 -17.25
CA GLY A 200 2.56 5.04 -16.79
C GLY A 200 3.80 5.27 -15.97
N ALA A 201 4.14 6.54 -15.76
CA ALA A 201 5.18 6.86 -14.80
C ALA A 201 4.69 6.67 -13.40
N HIS A 202 5.65 6.56 -12.49
CA HIS A 202 5.41 6.27 -11.08
C HIS A 202 4.20 7.03 -10.50
N LYS A 203 4.21 8.36 -10.64
CA LYS A 203 3.19 9.18 -10.02
C LYS A 203 1.81 9.03 -10.63
N ASP A 204 1.73 8.48 -11.82
CA ASP A 204 0.50 8.47 -12.55
C ASP A 204 -0.22 7.12 -12.55
N MET A 205 0.39 6.08 -11.97
CA MET A 205 -0.06 4.71 -12.20
C MET A 205 -1.49 4.42 -11.80
N LEU A 206 -1.93 4.97 -10.67
CA LEU A 206 -3.25 4.64 -10.14
C LEU A 206 -4.23 5.82 -10.28
N GLU A 207 -3.95 6.67 -11.23
CA GLU A 207 -4.83 7.79 -11.55
C GLU A 207 -5.14 7.86 -13.04
N GLY A 208 -6.22 8.55 -13.38
CA GLY A 208 -6.42 8.91 -14.79
C GLY A 208 -6.51 7.73 -15.71
N GLU A 209 -5.84 7.82 -16.86
CA GLU A 209 -5.90 6.75 -17.87
C GLU A 209 -5.24 5.45 -17.41
N PHE A 210 -4.24 5.61 -16.56
CA PHE A 210 -3.46 4.46 -16.20
C PHE A 210 -4.10 3.56 -15.17
N ALA A 211 -5.03 4.10 -14.37
CA ALA A 211 -5.71 3.28 -13.38
C ALA A 211 -6.39 2.15 -14.04
N GLU A 212 -7.00 2.38 -15.21
CA GLU A 212 -7.69 1.28 -15.86
C GLU A 212 -6.75 0.14 -16.23
N LYS A 213 -5.64 0.51 -16.84
CA LYS A 213 -4.68 -0.48 -17.32
C LYS A 213 -4.00 -1.19 -16.16
N ASN A 214 -3.64 -0.44 -15.11
CA ASN A 214 -3.02 -1.12 -13.96
C ASN A 214 -3.99 -1.95 -13.12
N ALA A 215 -5.25 -1.49 -13.04
CA ALA A 215 -6.29 -2.27 -12.40
C ALA A 215 -6.51 -3.63 -13.03
N ASN A 216 -6.35 -3.73 -14.35
CA ASN A 216 -6.52 -4.98 -15.07
C ASN A 216 -5.43 -5.95 -14.57
N ILE A 217 -4.20 -5.45 -14.32
CA ILE A 217 -3.14 -6.31 -13.83
C ILE A 217 -3.48 -6.83 -12.44
N ILE A 218 -3.93 -5.91 -11.60
CA ILE A 218 -4.31 -6.25 -10.26
C ILE A 218 -5.45 -7.28 -10.24
N LEU A 219 -6.45 -7.08 -11.09
CA LEU A 219 -7.54 -8.06 -11.13
C LEU A 219 -7.10 -9.42 -11.63
N ASN A 220 -6.25 -9.43 -12.63
CA ASN A 220 -5.66 -10.68 -13.16
C ASN A 220 -4.92 -11.42 -12.05
N ILE A 221 -4.21 -10.71 -11.21
CA ILE A 221 -3.52 -11.29 -10.09
C ILE A 221 -4.51 -11.92 -9.11
N LEU A 222 -5.55 -11.16 -8.76
CA LEU A 222 -6.57 -11.61 -7.85
C LEU A 222 -7.27 -12.84 -8.39
N ASP A 223 -7.56 -12.79 -9.69
CA ASP A 223 -8.28 -13.91 -10.38
C ASP A 223 -7.48 -15.18 -10.41
N LYS A 224 -6.15 -15.08 -10.40
CA LYS A 224 -5.29 -16.26 -10.47
C LYS A 224 -4.95 -16.88 -9.11
N ILE A 225 -5.38 -16.29 -8.01
CA ILE A 225 -4.98 -16.75 -6.70
C ILE A 225 -5.48 -18.21 -6.53
C ACY B . 4.26 9.24 -4.38
O ACY B . 3.94 9.64 -3.24
OXT ACY B . 5.23 8.47 -4.57
CH3 ACY B . 3.47 9.69 -5.56
#